data_2JKO
#
_entry.id   2JKO
#
_cell.length_a   45.691
_cell.length_b   47.063
_cell.length_c   62.979
_cell.angle_alpha   90.00
_cell.angle_beta   98.63
_cell.angle_gamma   90.00
#
_symmetry.space_group_name_H-M   'P 1 21 1'
#
loop_
_entity.id
_entity.type
_entity.pdbx_description
1 polymer 'FOCAL ADHESION KINASE 1'
2 non-polymer 7-{[(2Z,5S)-5-CHLORO-2-{[2-METHOXY-4-(4-METHYLPIPERAZIN-1-YL)PHENYL]IMINO}-2,5-DIHYDROPYRIMIDIN-4-YL]AMINO}-2-METHYL-2,3-DIHYDRO-1H-ISOINDOL-1-ONE
3 water water
#
_entity_poly.entity_id   1
_entity_poly.type   'polypeptide(L)'
_entity_poly.pdbx_seq_one_letter_code
;STRDYEIQRERIELGRCIGEGQFGDVHQGIYMSPENPAMAVAIKTCKNCTSDSVREKFLQEALTMRQFDHPHIVKLIGVI
TENPVWIIMELCTLGELRSFLQVRKFSLDLASLILYAYQLSTALAYLESKRFVHRDIAARNVLVSATDCVKLGDFGLSRY
MEDSTYYKASKGKLPIKWMAPESINFRRFTSASDVWMFGVCMWEILMHGVKPFQGVKNNDVIGRIENGERLPMPPNCPPT
LYSLMTKCWAYDPSRRPRFTELKAQLSTILEEEKLQ
;
_entity_poly.pdbx_strand_id   A
#
loop_
_chem_comp.id
_chem_comp.type
_chem_comp.name
_chem_comp.formula
BIJ non-polymer 7-{[(2Z,5S)-5-CHLORO-2-{[2-METHOXY-4-(4-METHYLPIPERAZIN-1-YL)PHENYL]IMINO}-2,5-DIHYDROPYRIMIDIN-4-YL]AMINO}-2-METHYL-2,3-DIHYDRO-1H-ISOINDOL-1-ONE 'C25 H28 Cl N7 O2'
#
# COMPACT_ATOMS: atom_id res chain seq x y z
N TYR A 5 22.85 -4.21 8.41
CA TYR A 5 22.13 -3.57 7.27
C TYR A 5 22.86 -2.36 6.68
N GLU A 6 24.04 -2.03 7.23
CA GLU A 6 24.81 -0.89 6.75
C GLU A 6 25.43 -1.21 5.39
N ILE A 7 25.32 -0.25 4.47
CA ILE A 7 25.87 -0.39 3.13
C ILE A 7 26.86 0.73 2.86
N GLN A 8 28.01 0.39 2.27
CA GLN A 8 29.00 1.38 1.86
C GLN A 8 28.46 2.21 0.71
N ARG A 9 28.59 3.53 0.81
CA ARG A 9 27.99 4.41 -0.19
C ARG A 9 28.45 4.11 -1.61
N GLU A 10 29.73 3.74 -1.74
CA GLU A 10 30.31 3.46 -3.04
C GLU A 10 29.70 2.24 -3.74
N ARG A 11 28.90 1.46 -3.01
CA ARG A 11 28.19 0.32 -3.61
C ARG A 11 26.86 0.75 -4.23
N ILE A 12 26.51 2.02 -4.02
CA ILE A 12 25.28 2.59 -4.59
C ILE A 12 25.61 3.59 -5.68
N GLU A 13 25.05 3.36 -6.87
CA GLU A 13 25.11 4.34 -7.93
C GLU A 13 23.74 5.04 -7.98
N LEU A 14 23.73 6.32 -7.62
CA LEU A 14 22.50 7.08 -7.57
C LEU A 14 22.07 7.46 -8.99
N GLY A 15 20.81 7.17 -9.31
CA GLY A 15 20.28 7.44 -10.64
C GLY A 15 19.19 8.50 -10.63
N ARG A 16 18.28 8.38 -11.59
CA ARG A 16 17.19 9.34 -11.79
C ARG A 16 16.24 9.44 -10.59
N CYS A 17 15.80 10.66 -10.30
CA CYS A 17 14.76 10.89 -9.29
C CYS A 17 13.42 10.34 -9.80
N ILE A 18 12.81 9.49 -8.98
CA ILE A 18 11.56 8.84 -9.36
C ILE A 18 10.34 9.43 -8.66
N GLY A 19 10.46 9.67 -7.35
CA GLY A 19 9.36 10.23 -6.58
C GLY A 19 9.85 11.14 -5.46
N GLU A 20 9.02 11.30 -4.43
CA GLU A 20 9.38 12.04 -3.22
C GLU A 20 8.51 11.68 -2.02
N GLY A 21 9.16 11.38 -0.90
CA GLY A 21 8.49 11.11 0.37
C GLY A 21 8.46 12.36 1.24
N GLN A 22 8.23 12.17 2.54
CA GLN A 22 8.14 13.31 3.47
C GLN A 22 9.50 13.94 3.72
N PHE A 23 10.49 13.10 4.04
CA PHE A 23 11.82 13.57 4.40
C PHE A 23 12.62 14.10 3.22
N GLY A 24 12.27 13.65 2.00
CA GLY A 24 12.94 14.12 0.80
C GLY A 24 12.67 13.29 -0.44
N ASP A 25 13.48 13.54 -1.47
CA ASP A 25 13.36 12.86 -2.75
C ASP A 25 13.65 11.37 -2.67
N VAL A 26 13.04 10.60 -3.58
CA VAL A 26 13.35 9.19 -3.76
C VAL A 26 13.92 8.99 -5.16
N HIS A 27 15.05 8.29 -5.23
CA HIS A 27 15.73 8.02 -6.49
C HIS A 27 15.71 6.52 -6.80
N GLN A 28 15.84 6.19 -8.08
CA GLN A 28 16.19 4.84 -8.46
C GLN A 28 17.71 4.76 -8.53
N GLY A 29 18.25 3.56 -8.42
CA GLY A 29 19.70 3.37 -8.45
C GLY A 29 20.12 1.93 -8.61
N ILE A 30 21.43 1.71 -8.51
CA ILE A 30 21.99 0.38 -8.63
C ILE A 30 22.83 0.04 -7.41
N TYR A 31 22.57 -1.14 -6.84
CA TYR A 31 23.33 -1.65 -5.70
C TYR A 31 24.22 -2.79 -6.14
N MET A 32 25.53 -2.59 -5.91
CA MET A 32 26.52 -3.59 -6.27
C MET A 32 27.04 -4.30 -5.03
N SER A 33 26.52 -5.52 -4.80
CA SER A 33 27.02 -6.40 -3.74
C SER A 33 27.66 -7.62 -4.39
N PRO A 34 28.61 -8.29 -3.68
CA PRO A 34 29.26 -9.46 -4.25
C PRO A 34 28.38 -10.71 -4.19
N GLU A 35 27.11 -10.55 -4.57
CA GLU A 35 26.09 -11.57 -4.39
C GLU A 35 25.06 -11.58 -5.53
N ASN A 36 24.97 -10.48 -6.26
CA ASN A 36 24.00 -10.35 -7.35
C ASN A 36 24.64 -10.44 -8.75
N PRO A 37 25.31 -9.38 -9.23
CA PRO A 37 25.44 -8.00 -8.76
C PRO A 37 24.43 -7.08 -9.47
N ALA A 38 24.78 -5.80 -9.64
CA ALA A 38 23.94 -4.83 -10.35
C ALA A 38 22.45 -4.92 -10.02
N MET A 39 22.11 -4.80 -8.73
CA MET A 39 20.73 -4.88 -8.28
C MET A 39 20.05 -3.52 -8.38
N ALA A 40 18.91 -3.46 -9.06
CA ALA A 40 18.12 -2.23 -9.11
C ALA A 40 17.48 -1.96 -7.75
N VAL A 41 17.59 -0.72 -7.28
CA VAL A 41 17.07 -0.35 -5.96
C VAL A 41 16.42 1.02 -5.97
N ALA A 42 15.60 1.27 -4.94
CA ALA A 42 15.10 2.60 -4.64
C ALA A 42 15.91 3.21 -3.50
N ILE A 43 16.20 4.49 -3.63
CA ILE A 43 17.01 5.22 -2.66
C ILE A 43 16.21 6.38 -2.09
N LYS A 44 15.83 6.25 -0.83
CA LYS A 44 15.14 7.30 -0.11
C LYS A 44 16.15 8.26 0.48
N THR A 45 16.00 9.54 0.16
CA THR A 45 16.87 10.58 0.69
C THR A 45 16.13 11.44 1.70
N CYS A 46 16.90 12.15 2.51
CA CYS A 46 16.35 12.98 3.59
C CYS A 46 16.88 14.40 3.46
N LYS A 47 15.96 15.36 3.43
CA LYS A 47 16.32 16.77 3.48
C LYS A 47 16.71 17.14 4.90
N ASN A 48 17.84 17.83 5.02
CA ASN A 48 18.34 18.36 6.29
C ASN A 48 18.59 17.31 7.37
N CYS A 49 19.34 16.25 7.02
CA CYS A 49 19.80 15.29 8.03
C CYS A 49 21.06 15.84 8.71
N THR A 50 21.46 17.04 8.27
CA THR A 50 22.38 17.90 9.01
C THR A 50 21.78 18.14 10.40
N SER A 51 20.45 18.21 10.43
CA SER A 51 19.69 18.18 11.68
C SER A 51 19.60 16.74 12.17
N ASP A 52 20.14 16.49 13.36
CA ASP A 52 20.24 15.14 13.93
C ASP A 52 18.89 14.61 14.40
N SER A 53 17.95 15.51 14.68
CA SER A 53 16.62 15.14 15.16
C SER A 53 15.79 14.44 14.08
N VAL A 54 15.87 14.93 12.84
CA VAL A 54 15.10 14.36 11.74
C VAL A 54 15.71 13.06 11.21
N ARG A 55 17.01 12.86 11.47
CA ARG A 55 17.70 11.64 11.06
C ARG A 55 17.24 10.42 11.86
N GLU A 56 16.99 10.62 13.15
CA GLU A 56 16.56 9.55 14.04
C GLU A 56 15.18 9.01 13.69
N LYS A 57 14.25 9.91 13.35
CA LYS A 57 12.92 9.47 12.93
C LYS A 57 12.90 8.97 11.48
N PHE A 58 13.82 9.49 10.66
CA PHE A 58 13.99 9.01 9.29
C PHE A 58 14.45 7.56 9.29
N LEU A 59 15.51 7.29 10.05
CA LEU A 59 16.06 5.93 10.16
C LEU A 59 15.19 4.94 10.95
N GLN A 60 14.34 5.45 11.85
CA GLN A 60 13.37 4.61 12.54
C GLN A 60 12.40 3.90 11.59
N GLU A 61 12.14 4.54 10.44
CA GLU A 61 11.26 3.96 9.42
C GLU A 61 11.86 2.72 8.74
N ALA A 62 13.19 2.68 8.66
CA ALA A 62 13.91 1.51 8.15
C ALA A 62 13.80 0.34 9.11
N LEU A 63 13.94 0.62 10.41
CA LEU A 63 13.76 -0.39 11.45
C LEU A 63 12.36 -0.99 11.38
N THR A 64 11.37 -0.14 11.11
CA THR A 64 10.01 -0.60 10.93
C THR A 64 9.94 -1.69 9.87
N MET A 65 10.55 -1.43 8.72
CA MET A 65 10.47 -2.36 7.59
C MET A 65 11.30 -3.63 7.80
N ARG A 66 12.35 -3.52 8.62
CA ARG A 66 13.23 -4.65 8.94
C ARG A 66 12.49 -5.88 9.50
N GLN A 67 11.40 -5.65 10.22
CA GLN A 67 10.65 -6.73 10.87
C GLN A 67 9.76 -7.55 9.92
N PHE A 68 9.61 -7.09 8.68
CA PHE A 68 8.69 -7.74 7.74
C PHE A 68 9.42 -8.43 6.61
N ASP A 69 8.88 -9.57 6.20
CA ASP A 69 9.42 -10.34 5.09
C ASP A 69 8.25 -11.02 4.39
N HIS A 70 7.78 -10.40 3.31
CA HIS A 70 6.64 -10.94 2.55
C HIS A 70 6.79 -10.58 1.09
N PRO A 71 6.40 -11.49 0.17
CA PRO A 71 6.52 -11.19 -1.26
C PRO A 71 5.78 -9.95 -1.74
N HIS A 72 4.78 -9.49 -0.98
CA HIS A 72 3.97 -8.36 -1.41
C HIS A 72 4.09 -7.16 -0.46
N ILE A 73 5.24 -7.09 0.20
CA ILE A 73 5.63 -5.89 0.94
C ILE A 73 7.04 -5.51 0.52
N VAL A 74 7.25 -4.24 0.18
CA VAL A 74 8.59 -3.80 -0.24
C VAL A 74 9.62 -4.10 0.84
N LYS A 75 10.77 -4.61 0.41
CA LYS A 75 11.83 -5.05 1.32
C LYS A 75 12.87 -3.95 1.55
N LEU A 76 13.30 -3.82 2.80
CA LEU A 76 14.47 -3.01 3.14
C LEU A 76 15.75 -3.75 2.76
N ILE A 77 16.60 -3.10 1.98
CA ILE A 77 17.89 -3.68 1.58
C ILE A 77 18.97 -3.27 2.57
N GLY A 78 18.98 -2.00 2.95
CA GLY A 78 19.92 -1.51 3.94
C GLY A 78 19.89 -0.01 4.08
N VAL A 79 20.84 0.52 4.86
CA VAL A 79 20.90 1.94 5.16
C VAL A 79 22.31 2.47 5.04
N ILE A 80 22.41 3.77 4.79
CA ILE A 80 23.68 4.47 4.85
C ILE A 80 23.51 5.56 5.88
N THR A 81 24.14 5.37 7.04
CA THR A 81 23.80 6.17 8.22
C THR A 81 24.60 7.48 8.42
N GLU A 82 25.57 7.72 7.55
CA GLU A 82 26.31 8.99 7.56
C GLU A 82 25.76 9.95 6.50
N ASN A 83 25.90 11.26 6.73
CA ASN A 83 25.30 12.26 5.86
C ASN A 83 25.92 12.33 4.46
N PRO A 84 25.09 12.40 3.39
CA PRO A 84 23.62 12.34 3.41
C PRO A 84 23.08 10.94 3.68
N VAL A 85 22.16 10.84 4.64
CA VAL A 85 21.59 9.56 5.04
C VAL A 85 20.64 9.01 3.97
N TRP A 86 20.85 7.75 3.60
CA TRP A 86 20.04 7.08 2.57
C TRP A 86 19.44 5.80 3.12
N ILE A 87 18.20 5.51 2.71
CA ILE A 87 17.60 4.20 2.96
C ILE A 87 17.47 3.50 1.61
N ILE A 88 17.98 2.27 1.53
CA ILE A 88 17.97 1.51 0.30
C ILE A 88 16.87 0.47 0.36
N MET A 89 15.94 0.58 -0.58
CA MET A 89 14.76 -0.28 -0.63
C MET A 89 14.73 -1.06 -1.94
N GLU A 90 14.02 -2.18 -1.93
CA GLU A 90 13.68 -2.89 -3.17
C GLU A 90 13.00 -1.91 -4.14
N LEU A 91 13.37 -1.93 -5.42
CA LEU A 91 12.70 -1.09 -6.41
C LEU A 91 11.49 -1.78 -6.99
N CYS A 92 10.38 -1.04 -7.04
CA CYS A 92 9.19 -1.47 -7.77
C CYS A 92 9.15 -0.63 -9.04
N THR A 93 9.62 -1.24 -10.12
CA THR A 93 10.00 -0.48 -11.32
C THR A 93 8.85 0.28 -11.99
N LEU A 94 7.64 -0.23 -11.85
CA LEU A 94 6.50 0.38 -12.53
C LEU A 94 5.83 1.50 -11.73
N GLY A 95 6.30 1.74 -10.52
CA GLY A 95 5.91 2.93 -9.76
C GLY A 95 4.59 2.84 -9.01
N GLU A 96 3.93 3.99 -8.88
CA GLU A 96 2.72 4.11 -8.06
C GLU A 96 1.52 3.44 -8.71
N LEU A 97 0.74 2.72 -7.89
CA LEU A 97 -0.41 1.98 -8.40
C LEU A 97 -1.45 2.90 -9.05
N ARG A 98 -1.81 3.99 -8.37
CA ARG A 98 -2.84 4.90 -8.92
C ARG A 98 -2.53 5.36 -10.34
N SER A 99 -1.32 5.88 -10.56
CA SER A 99 -0.88 6.29 -11.90
C SER A 99 -0.93 5.12 -12.90
N PHE A 100 -0.42 3.96 -12.48
CA PHE A 100 -0.40 2.76 -13.30
C PHE A 100 -1.81 2.37 -13.79
N LEU A 101 -2.77 2.38 -12.87
CA LEU A 101 -4.13 2.02 -13.20
C LEU A 101 -4.80 3.04 -14.10
N GLN A 102 -4.50 4.32 -13.86
CA GLN A 102 -5.07 5.42 -14.64
C GLN A 102 -4.59 5.36 -16.09
N VAL A 103 -3.28 5.16 -16.29
CA VAL A 103 -2.72 5.14 -17.65
C VAL A 103 -3.09 3.87 -18.42
N ARG A 104 -3.29 2.77 -17.70
CA ARG A 104 -3.57 1.49 -18.31
C ARG A 104 -5.03 1.05 -18.16
N LYS A 105 -5.94 1.99 -17.99
CA LYS A 105 -7.35 1.68 -17.71
C LYS A 105 -8.00 0.73 -18.71
N PHE A 106 -7.76 0.97 -20.01
CA PHE A 106 -8.41 0.19 -21.05
C PHE A 106 -7.50 -0.89 -21.61
N SER A 107 -6.43 -1.20 -20.89
CA SER A 107 -5.48 -2.23 -21.29
C SER A 107 -5.40 -3.38 -20.30
N LEU A 108 -5.76 -3.09 -19.05
CA LEU A 108 -5.72 -4.08 -17.99
C LEU A 108 -7.02 -4.87 -17.95
N ASP A 109 -6.88 -6.19 -17.93
CA ASP A 109 -8.06 -7.04 -17.79
C ASP A 109 -8.51 -7.09 -16.34
N LEU A 110 -9.78 -7.43 -16.14
CA LEU A 110 -10.36 -7.57 -14.81
C LEU A 110 -9.55 -8.56 -13.97
N ALA A 111 -9.08 -9.65 -14.60
CA ALA A 111 -8.28 -10.65 -13.91
C ALA A 111 -7.08 -10.02 -13.21
N SER A 112 -6.44 -9.04 -13.86
CA SER A 112 -5.30 -8.33 -13.27
C SER A 112 -5.69 -7.52 -12.05
N LEU A 113 -6.81 -6.80 -12.14
CA LEU A 113 -7.28 -6.00 -11.01
C LEU A 113 -7.57 -6.87 -9.80
N ILE A 114 -8.23 -8.01 -10.04
CA ILE A 114 -8.56 -8.92 -8.96
C ILE A 114 -7.27 -9.52 -8.37
N LEU A 115 -6.32 -9.85 -9.25
CA LEU A 115 -5.00 -10.31 -8.81
C LEU A 115 -4.36 -9.31 -7.83
N TYR A 116 -4.40 -8.02 -8.15
CA TYR A 116 -3.79 -7.04 -7.26
C TYR A 116 -4.46 -7.02 -5.88
N ALA A 117 -5.79 -7.04 -5.87
CA ALA A 117 -6.55 -7.15 -4.62
C ALA A 117 -6.11 -8.40 -3.84
N TYR A 118 -6.02 -9.53 -4.52
CA TYR A 118 -5.67 -10.78 -3.86
C TYR A 118 -4.27 -10.69 -3.24
N GLN A 119 -3.31 -10.20 -4.01
CA GLN A 119 -1.93 -10.08 -3.55
C GLN A 119 -1.85 -9.17 -2.30
N LEU A 120 -2.53 -8.03 -2.35
CA LEU A 120 -2.56 -7.14 -1.20
C LEU A 120 -3.17 -7.84 0.02
N SER A 121 -4.24 -8.61 -0.18
CA SER A 121 -4.86 -9.34 0.93
C SER A 121 -3.91 -10.33 1.58
N THR A 122 -3.01 -10.93 0.77
CA THR A 122 -2.00 -11.84 1.35
C THR A 122 -1.02 -11.08 2.26
N ALA A 123 -0.60 -9.89 1.83
CA ALA A 123 0.30 -9.06 2.64
C ALA A 123 -0.40 -8.64 3.92
N LEU A 124 -1.67 -8.27 3.81
CA LEU A 124 -2.43 -7.79 4.97
C LEU A 124 -2.79 -8.94 5.94
N ALA A 125 -3.06 -10.14 5.41
CA ALA A 125 -3.27 -11.31 6.27
C ALA A 125 -1.98 -11.62 7.04
N TYR A 126 -0.85 -11.45 6.36
CA TYR A 126 0.45 -11.61 7.02
C TYR A 126 0.61 -10.58 8.15
N LEU A 127 0.34 -9.30 7.86
CA LEU A 127 0.43 -8.27 8.91
C LEU A 127 -0.52 -8.57 10.07
N GLU A 128 -1.74 -8.99 9.75
CA GLU A 128 -2.70 -9.33 10.80
C GLU A 128 -2.15 -10.46 11.69
N SER A 129 -1.51 -11.45 11.06
CA SER A 129 -0.95 -12.59 11.80
C SER A 129 0.22 -12.17 12.70
N LYS A 130 0.84 -11.05 12.35
CA LYS A 130 1.92 -10.45 13.15
C LYS A 130 1.39 -9.45 14.17
N ARG A 131 0.07 -9.33 14.24
CA ARG A 131 -0.59 -8.38 15.13
C ARG A 131 -0.14 -6.95 14.87
N PHE A 132 0.10 -6.64 13.59
CA PHE A 132 0.51 -5.29 13.19
C PHE A 132 -0.64 -4.56 12.52
N VAL A 133 -0.98 -3.39 13.07
CA VAL A 133 -2.07 -2.58 12.53
C VAL A 133 -1.47 -1.46 11.67
N HIS A 134 -1.88 -1.40 10.41
CA HIS A 134 -1.24 -0.55 9.40
C HIS A 134 -1.71 0.90 9.47
N ARG A 135 -3.03 1.09 9.53
CA ARG A 135 -3.67 2.39 9.71
C ARG A 135 -3.71 3.29 8.48
N ASP A 136 -3.08 2.86 7.38
CA ASP A 136 -2.99 3.72 6.20
C ASP A 136 -3.07 2.94 4.90
N ILE A 137 -4.04 2.04 4.80
CA ILE A 137 -4.23 1.25 3.60
C ILE A 137 -5.04 2.08 2.59
N ALA A 138 -4.45 2.29 1.41
CA ALA A 138 -5.01 3.12 0.35
C ALA A 138 -4.20 2.85 -0.89
N ALA A 139 -4.81 3.03 -2.06
CA ALA A 139 -4.09 2.77 -3.32
C ALA A 139 -2.83 3.64 -3.44
N ARG A 140 -2.85 4.85 -2.87
CA ARG A 140 -1.67 5.73 -2.91
C ARG A 140 -0.40 5.10 -2.30
N ASN A 141 -0.59 4.07 -1.48
CA ASN A 141 0.52 3.44 -0.75
C ASN A 141 0.88 2.08 -1.30
N VAL A 142 0.44 1.82 -2.53
CA VAL A 142 0.75 0.56 -3.22
C VAL A 142 1.65 0.86 -4.41
N LEU A 143 2.62 -0.02 -4.62
CA LEU A 143 3.57 0.11 -5.72
C LEU A 143 3.45 -1.08 -6.66
N VAL A 144 3.88 -0.87 -7.91
CA VAL A 144 3.77 -1.90 -8.94
C VAL A 144 5.15 -2.42 -9.31
N SER A 145 5.41 -3.68 -8.96
CA SER A 145 6.70 -4.30 -9.21
C SER A 145 6.78 -4.84 -10.63
N ALA A 146 5.65 -5.36 -11.10
CA ALA A 146 5.53 -5.95 -12.44
C ALA A 146 4.05 -5.92 -12.79
N THR A 147 3.70 -6.15 -14.05
CA THR A 147 2.28 -6.08 -14.43
C THR A 147 1.46 -7.16 -13.71
N ASP A 148 2.14 -8.15 -13.16
CA ASP A 148 1.49 -9.20 -12.38
C ASP A 148 1.89 -9.20 -10.90
N CYS A 149 2.35 -8.07 -10.39
CA CYS A 149 2.83 -8.02 -9.00
C CYS A 149 2.77 -6.64 -8.38
N VAL A 150 1.94 -6.49 -7.36
CA VAL A 150 1.91 -5.24 -6.58
C VAL A 150 2.44 -5.49 -5.16
N LYS A 151 2.87 -4.42 -4.50
CA LYS A 151 3.42 -4.56 -3.14
C LYS A 151 3.01 -3.37 -2.29
N LEU A 152 2.76 -3.63 -1.01
CA LEU A 152 2.58 -2.53 -0.06
C LEU A 152 3.88 -1.74 -0.03
N GLY A 153 3.76 -0.42 -0.15
CA GLY A 153 4.91 0.47 -0.14
C GLY A 153 5.44 0.69 1.25
N ASP A 154 6.54 1.43 1.33
CA ASP A 154 7.20 1.75 2.59
C ASP A 154 6.18 2.32 3.58
N PHE A 155 6.20 1.81 4.81
CA PHE A 155 5.21 2.19 5.82
C PHE A 155 5.48 3.62 6.33
N GLY A 156 6.72 4.07 6.19
CA GLY A 156 7.10 5.46 6.46
C GLY A 156 6.63 6.41 5.36
N LEU A 157 6.78 6.00 4.11
CA LEU A 157 6.29 6.77 2.95
C LEU A 157 4.77 6.58 2.79
N LEU A 174 -5.44 13.48 8.33
CA LEU A 174 -5.98 12.13 8.42
C LEU A 174 -6.69 11.69 7.14
N PRO A 175 -6.51 10.42 6.74
CA PRO A 175 -7.18 9.90 5.55
C PRO A 175 -8.63 9.54 5.85
N ILE A 176 -9.41 10.56 6.23
CA ILE A 176 -10.82 10.37 6.63
C ILE A 176 -11.63 9.50 5.65
N LYS A 177 -11.47 9.75 4.35
CA LYS A 177 -12.27 9.06 3.34
C LYS A 177 -11.99 7.55 3.22
N TRP A 178 -10.89 7.11 3.83
CA TRP A 178 -10.53 5.67 3.89
C TRP A 178 -10.83 5.05 5.23
N MET A 179 -11.15 5.87 6.23
CA MET A 179 -11.15 5.39 7.62
C MET A 179 -12.46 4.75 8.07
N ALA A 180 -12.35 3.76 8.95
CA ALA A 180 -13.52 3.14 9.54
C ALA A 180 -14.22 4.15 10.46
N PRO A 181 -15.56 4.01 10.62
CA PRO A 181 -16.27 4.92 11.49
C PRO A 181 -15.71 5.00 12.92
N GLU A 182 -15.30 3.87 13.49
CA GLU A 182 -14.77 3.90 14.85
C GLU A 182 -13.40 4.61 14.91
N SER A 183 -12.70 4.63 13.78
CA SER A 183 -11.43 5.37 13.71
C SER A 183 -11.70 6.87 13.64
N ILE A 184 -12.68 7.24 12.81
CA ILE A 184 -13.06 8.65 12.66
C ILE A 184 -13.63 9.19 13.98
N ASN A 185 -14.55 8.44 14.57
CA ASN A 185 -15.27 8.90 15.77
C ASN A 185 -14.43 8.86 17.04
N PHE A 186 -13.67 7.77 17.23
CA PHE A 186 -13.07 7.49 18.54
C PHE A 186 -11.59 7.12 18.48
N ARG A 187 -10.98 7.26 17.30
CA ARG A 187 -9.56 6.99 17.11
C ARG A 187 -9.19 5.55 17.50
N ARG A 188 -10.14 4.65 17.29
CA ARG A 188 -9.87 3.22 17.50
C ARG A 188 -9.30 2.65 16.21
N PHE A 189 -8.14 1.99 16.33
CA PHE A 189 -7.48 1.36 15.19
C PHE A 189 -7.15 -0.08 15.53
N THR A 190 -7.70 -0.99 14.74
CA THR A 190 -7.52 -2.43 14.93
C THR A 190 -7.38 -3.07 13.56
N SER A 191 -7.12 -4.37 13.51
CA SER A 191 -7.09 -5.04 12.22
C SER A 191 -8.45 -4.93 11.52
N ALA A 192 -9.53 -4.87 12.29
CA ALA A 192 -10.85 -4.65 11.70
C ALA A 192 -11.03 -3.27 11.05
N SER A 193 -10.41 -2.24 11.63
CA SER A 193 -10.43 -0.93 10.96
C SER A 193 -9.57 -0.95 9.69
N ASP A 194 -8.47 -1.72 9.70
CA ASP A 194 -7.67 -1.95 8.49
C ASP A 194 -8.50 -2.62 7.37
N VAL A 195 -9.37 -3.56 7.76
CA VAL A 195 -10.23 -4.27 6.81
C VAL A 195 -11.14 -3.27 6.08
N TRP A 196 -11.72 -2.35 6.83
CA TRP A 196 -12.55 -1.29 6.23
C TRP A 196 -11.73 -0.53 5.17
N MET A 197 -10.53 -0.10 5.56
CA MET A 197 -9.65 0.65 4.66
C MET A 197 -9.32 -0.16 3.41
N PHE A 198 -9.06 -1.45 3.61
CA PHE A 198 -8.78 -2.32 2.47
C PHE A 198 -9.97 -2.41 1.51
N GLY A 199 -11.18 -2.37 2.07
CA GLY A 199 -12.39 -2.37 1.25
C GLY A 199 -12.36 -1.16 0.33
N VAL A 200 -12.00 -0.01 0.89
CA VAL A 200 -11.87 1.22 0.10
C VAL A 200 -10.76 1.08 -0.94
N CYS A 201 -9.62 0.51 -0.54
CA CYS A 201 -8.51 0.25 -1.49
C CYS A 201 -8.97 -0.63 -2.67
N MET A 202 -9.71 -1.69 -2.37
CA MET A 202 -10.26 -2.57 -3.43
C MET A 202 -11.15 -1.77 -4.38
N TRP A 203 -11.98 -0.91 -3.82
CA TRP A 203 -12.86 -0.03 -4.61
C TRP A 203 -12.00 0.85 -5.54
N GLU A 204 -10.95 1.46 -4.99
CA GLU A 204 -10.03 2.27 -5.79
C GLU A 204 -9.43 1.49 -6.95
N ILE A 205 -9.00 0.25 -6.68
CA ILE A 205 -8.40 -0.58 -7.73
C ILE A 205 -9.42 -0.84 -8.83
N LEU A 206 -10.62 -1.26 -8.46
CA LEU A 206 -11.65 -1.55 -9.45
C LEU A 206 -12.20 -0.30 -10.17
N MET A 207 -11.94 0.87 -9.59
CA MET A 207 -12.25 2.16 -10.22
C MET A 207 -11.07 2.71 -11.06
N HIS A 208 -10.02 1.91 -11.21
CA HIS A 208 -8.82 2.32 -11.95
C HIS A 208 -8.15 3.58 -11.39
N GLY A 209 -8.09 3.66 -10.07
CA GLY A 209 -7.35 4.72 -9.39
C GLY A 209 -8.06 6.04 -9.20
N VAL A 210 -9.40 6.00 -9.19
CA VAL A 210 -10.21 7.15 -8.80
C VAL A 210 -10.25 7.18 -7.26
N LYS A 211 -10.18 8.37 -6.67
CA LYS A 211 -10.25 8.48 -5.20
C LYS A 211 -11.70 8.36 -4.72
N PRO A 212 -11.90 7.83 -3.49
CA PRO A 212 -13.25 7.72 -2.96
C PRO A 212 -13.77 9.09 -2.54
N PHE A 213 -15.10 9.27 -2.56
CA PHE A 213 -15.77 10.48 -2.07
C PHE A 213 -15.26 11.77 -2.73
N GLN A 214 -15.08 11.74 -4.05
CA GLN A 214 -14.67 12.94 -4.76
C GLN A 214 -15.72 14.03 -4.59
N GLY A 215 -15.25 15.24 -4.31
CA GLY A 215 -16.12 16.40 -4.12
C GLY A 215 -16.90 16.42 -2.81
N VAL A 216 -16.58 15.48 -1.92
CA VAL A 216 -17.20 15.42 -0.59
C VAL A 216 -16.21 15.95 0.45
N LYS A 217 -16.69 16.81 1.35
CA LYS A 217 -15.84 17.31 2.44
C LYS A 217 -15.57 16.21 3.45
N ASN A 218 -14.34 16.17 3.96
CA ASN A 218 -13.95 15.21 4.97
C ASN A 218 -14.97 15.11 6.11
N ASN A 219 -15.37 16.25 6.66
CA ASN A 219 -16.33 16.32 7.76
C ASN A 219 -17.69 15.69 7.48
N ASP A 220 -18.01 15.53 6.19
CA ASP A 220 -19.31 14.99 5.77
C ASP A 220 -19.32 13.47 5.59
N VAL A 221 -18.14 12.85 5.65
CA VAL A 221 -18.00 11.41 5.38
C VAL A 221 -18.73 10.54 6.41
N ILE A 222 -18.51 10.83 7.69
CA ILE A 222 -19.11 10.02 8.74
C ILE A 222 -20.64 10.09 8.69
N GLY A 223 -21.19 11.26 8.37
CA GLY A 223 -22.63 11.40 8.20
C GLY A 223 -23.19 10.48 7.13
N ARG A 224 -22.50 10.40 5.98
CA ARG A 224 -22.91 9.49 4.90
C ARG A 224 -22.87 8.05 5.36
N ILE A 225 -21.77 7.65 6.01
CA ILE A 225 -21.60 6.27 6.48
C ILE A 225 -22.71 5.93 7.46
N GLU A 226 -22.98 6.85 8.37
CA GLU A 226 -23.97 6.59 9.41
C GLU A 226 -25.38 6.54 8.85
N ASN A 227 -25.57 7.18 7.69
CA ASN A 227 -26.84 7.14 6.94
C ASN A 227 -27.02 5.82 6.17
N GLY A 228 -26.01 4.97 6.21
CA GLY A 228 -26.07 3.67 5.52
C GLY A 228 -25.52 3.72 4.11
N GLU A 229 -25.08 4.90 3.67
CA GLU A 229 -24.53 5.07 2.33
C GLU A 229 -23.16 4.43 2.19
N ARG A 230 -22.89 3.90 1.00
CA ARG A 230 -21.60 3.27 0.74
C ARG A 230 -21.11 3.62 -0.66
N LEU A 231 -19.80 3.52 -0.87
CA LEU A 231 -19.25 3.68 -2.21
C LEU A 231 -19.97 2.70 -3.14
N PRO A 232 -20.36 3.17 -4.33
CA PRO A 232 -21.16 2.37 -5.27
C PRO A 232 -20.36 1.30 -5.99
N MET A 233 -21.05 0.31 -6.56
CA MET A 233 -20.37 -0.72 -7.31
C MET A 233 -19.65 -0.15 -8.53
N PRO A 234 -18.32 -0.33 -8.60
CA PRO A 234 -17.59 0.11 -9.79
C PRO A 234 -18.11 -0.53 -11.07
N PRO A 235 -18.14 0.24 -12.17
CA PRO A 235 -18.48 -0.30 -13.47
C PRO A 235 -17.65 -1.54 -13.77
N ASN A 236 -18.30 -2.61 -14.23
CA ASN A 236 -17.65 -3.87 -14.64
C ASN A 236 -17.11 -4.74 -13.48
N CYS A 237 -17.38 -4.33 -12.24
CA CYS A 237 -16.96 -5.11 -11.07
C CYS A 237 -17.88 -6.30 -10.88
N PRO A 238 -17.31 -7.53 -10.73
CA PRO A 238 -18.15 -8.69 -10.40
C PRO A 238 -18.95 -8.44 -9.11
N PRO A 239 -20.28 -8.68 -9.15
CA PRO A 239 -21.06 -8.49 -7.93
C PRO A 239 -20.54 -9.26 -6.70
N THR A 240 -20.00 -10.46 -6.90
CA THR A 240 -19.36 -11.18 -5.78
C THR A 240 -18.24 -10.36 -5.13
N LEU A 241 -17.46 -9.66 -5.95
CA LEU A 241 -16.37 -8.84 -5.43
C LEU A 241 -16.91 -7.59 -4.75
N TYR A 242 -17.91 -6.95 -5.36
CA TYR A 242 -18.52 -5.80 -4.69
C TYR A 242 -19.14 -6.20 -3.36
N SER A 243 -19.84 -7.35 -3.34
CA SER A 243 -20.35 -7.90 -2.08
C SER A 243 -19.24 -8.01 -1.03
N LEU A 244 -18.10 -8.53 -1.42
CA LEU A 244 -16.97 -8.64 -0.49
C LEU A 244 -16.57 -7.28 0.09
N MET A 245 -16.47 -6.28 -0.78
CA MET A 245 -16.18 -4.89 -0.35
C MET A 245 -17.20 -4.45 0.71
N THR A 246 -18.48 -4.65 0.42
CA THR A 246 -19.50 -4.18 1.36
C THR A 246 -19.44 -4.89 2.71
N LYS A 247 -18.91 -6.11 2.71
CA LYS A 247 -18.68 -6.82 3.98
C LYS A 247 -17.57 -6.15 4.80
N CYS A 248 -16.55 -5.62 4.12
CA CYS A 248 -15.49 -4.83 4.78
C CYS A 248 -16.06 -3.57 5.44
N TRP A 249 -17.20 -3.09 4.93
CA TRP A 249 -17.81 -1.87 5.41
C TRP A 249 -19.02 -2.09 6.31
N ALA A 250 -19.06 -3.23 7.00
CA ALA A 250 -19.98 -3.37 8.11
C ALA A 250 -19.70 -2.28 9.15
N TYR A 251 -20.76 -1.62 9.64
CA TYR A 251 -20.56 -0.57 10.63
C TYR A 251 -19.91 -1.12 11.89
N ASP A 252 -20.40 -2.27 12.34
CA ASP A 252 -19.86 -2.97 13.51
C ASP A 252 -18.58 -3.72 13.12
N PRO A 253 -17.43 -3.32 13.70
CA PRO A 253 -16.15 -3.95 13.31
C PRO A 253 -16.11 -5.46 13.50
N SER A 254 -16.81 -5.96 14.51
CA SER A 254 -16.83 -7.40 14.80
C SER A 254 -17.52 -8.20 13.69
N ARG A 255 -18.28 -7.52 12.83
CA ARG A 255 -19.02 -8.16 11.75
C ARG A 255 -18.22 -8.24 10.43
N ARG A 256 -17.08 -7.57 10.39
CA ARG A 256 -16.23 -7.54 9.19
C ARG A 256 -15.42 -8.84 9.09
N PRO A 257 -15.12 -9.29 7.87
CA PRO A 257 -14.27 -10.49 7.78
C PRO A 257 -12.84 -10.19 8.23
N ARG A 258 -12.12 -11.21 8.67
CA ARG A 258 -10.68 -11.04 8.91
C ARG A 258 -9.93 -11.10 7.57
N PHE A 259 -8.69 -10.63 7.55
CA PHE A 259 -7.95 -10.59 6.28
C PHE A 259 -7.74 -11.98 5.72
N THR A 260 -7.62 -12.98 6.59
CA THR A 260 -7.43 -14.34 6.07
C THR A 260 -8.68 -14.83 5.34
N GLU A 261 -9.86 -14.38 5.79
CA GLU A 261 -11.13 -14.71 5.15
C GLU A 261 -11.25 -13.99 3.79
N LEU A 262 -10.85 -12.72 3.75
CA LEU A 262 -10.80 -11.97 2.49
C LEU A 262 -9.87 -12.62 1.47
N LYS A 263 -8.70 -13.04 1.93
CA LYS A 263 -7.72 -13.74 1.10
C LYS A 263 -8.37 -14.97 0.44
N ALA A 264 -9.06 -15.77 1.25
CA ALA A 264 -9.69 -17.00 0.78
C ALA A 264 -10.76 -16.73 -0.27
N GLN A 265 -11.59 -15.72 0.00
CA GLN A 265 -12.68 -15.36 -0.91
C GLN A 265 -12.13 -14.74 -2.19
N LEU A 266 -11.10 -13.89 -2.06
CA LEU A 266 -10.45 -13.29 -3.23
C LEU A 266 -9.82 -14.34 -4.12
N SER A 267 -9.25 -15.39 -3.52
CA SER A 267 -8.71 -16.51 -4.31
C SER A 267 -9.76 -17.10 -5.24
N THR A 268 -10.96 -17.33 -4.71
CA THR A 268 -12.03 -17.96 -5.50
C THR A 268 -12.55 -17.01 -6.58
N ILE A 269 -12.69 -15.73 -6.24
CA ILE A 269 -13.12 -14.73 -7.20
C ILE A 269 -12.11 -14.62 -8.35
N LEU A 270 -10.83 -14.64 -8.00
CA LEU A 270 -9.75 -14.61 -9.00
C LEU A 270 -9.79 -15.82 -9.90
N GLU A 271 -9.91 -17.01 -9.32
CA GLU A 271 -9.93 -18.25 -10.08
C GLU A 271 -11.13 -18.30 -11.04
N GLU A 272 -12.29 -17.84 -10.56
CA GLU A 272 -13.49 -17.79 -11.39
C GLU A 272 -13.25 -16.84 -12.58
N GLU A 273 -12.64 -15.68 -12.33
CA GLU A 273 -12.36 -14.73 -13.40
C GLU A 273 -11.35 -15.24 -14.43
N LYS A 274 -10.26 -15.84 -13.94
CA LYS A 274 -9.24 -16.45 -14.81
C LYS A 274 -9.91 -17.43 -15.77
N LEU A 275 -11.03 -17.99 -15.32
CA LEU A 275 -11.80 -18.97 -16.07
C LEU A 275 -12.72 -18.37 -17.16
N GLN A 276 -13.11 -17.11 -17.02
CA GLN A 276 -13.91 -16.45 -18.06
C GLN A 276 -13.55 -14.97 -18.25
CBD BIJ B . 8.17 7.51 -11.69
CBF BIJ B . 8.14 8.96 -12.17
NBH BIJ B . 6.83 9.57 -11.83
CBI BIJ B . 6.71 10.88 -12.49
CBG BIJ B . 6.74 9.74 -10.37
CBE BIJ B . 6.71 8.35 -9.66
NBC BIJ B . 7.65 7.34 -10.29
CBA BIJ B . 8.04 6.19 -9.53
CAW BIJ B . 8.89 5.25 -10.10
CAQ BIJ B . 9.29 4.10 -9.40
OAR BIJ B . 10.14 3.18 -9.95
CAS BIJ B . 10.76 3.61 -11.19
CAV BIJ B . 7.55 5.96 -8.24
CAP BIJ B . 7.93 4.82 -7.53
CAL BIJ B . 8.82 3.88 -8.09
NAH BIJ B . 9.20 2.76 -7.44
C2 BIJ B . 9.40 2.63 -6.12
N3 BIJ B . 9.05 3.61 -5.25
N1 BIJ B . 9.96 1.49 -5.66
C6 BIJ B . 10.17 1.31 -4.36
C5 BIJ B . 9.82 2.31 -3.44
CL5 BIJ B . 10.09 2.08 -1.75
C4 BIJ B . 9.24 3.49 -3.93
NAE BIJ B . 8.88 4.46 -3.07
CAJ BIJ B . 7.87 5.32 -3.30
CAN BIJ B . 6.68 5.28 -2.56
CAM BIJ B . 6.23 4.47 -1.50
OAI BIJ B . 6.90 3.56 -0.99
NAU BIJ B . 4.99 4.80 -1.11
CAT BIJ B . 4.22 4.15 -0.02
CAX BIJ B . 4.49 5.92 -1.90
CAY BIJ B . 5.65 6.20 -2.84
CBB BIJ B . 5.81 7.14 -3.87
CAZ BIJ B . 6.98 7.18 -4.61
CAO BIJ B . 8.01 6.28 -4.33
#